data_5EU8
#
_entry.id   5EU8
#
_cell.length_a   112.261
_cell.length_b   112.261
_cell.length_c   102.102
_cell.angle_alpha   90.00
_cell.angle_beta   90.00
_cell.angle_gamma   90.00
#
_symmetry.space_group_name_H-M   'I 4 2 2'
#
loop_
_entity.id
_entity.type
_entity.pdbx_description
1 polymer 'main protease'
2 polymer N-[(5-METHYLISOXAZOL-3-YL)CARBONYL]ALANYL-L-VALYL-N~1~-((1R,2Z)-4-(BENZYLOXY)-4-OXO-1-{[(3R)-2-OXOPYRROLIDIN-3-YL]METHYL}BUT-2-ENYL)-L-LEUCINAMIDE
3 non-polymer 'ZINC ION'
4 non-polymer 1,2-ETHANEDIOL
5 water water
#
loop_
_entity_poly.entity_id
_entity_poly.type
_entity_poly.pdbx_seq_one_letter_code
_entity_poly.pdbx_strand_id
1 'polypeptide(L)'
;GPLGSSGLRKMAQPSGVVEPCIVRVAYGNNVLNGLWLGDEVICPRHVIASDTSRVINYENELSSVRLHNFSIAKNNAFLG
VVSAKYKGVNLVLKVNQVNPNTPEHKFKSVRPGESFNILACYEGCPGSVYGVNMRSQGTIKGSFIAGTCGSVGYVLENGT
LYFVYMHHLELGNGSHVGSNLEGEMYGGYEDQPSMQLEGTNVMSSDNVVAFLYAALINGERWFVTNTSMTLESYNAWAKT
NSFTEIVSTDAFNMLAAKTGYSVEKLLECIVRLNKGFGGRTILSYGSLCDEFTPTEVIRQMYGVNLQ
;
A
2 'polypeptide(L)' (02J)AVL(PJE)(010) B
#
# COMPACT_ATOMS: atom_id res chain seq x y z
N SER A 5 23.25 15.88 -7.65
CA SER A 5 22.38 16.15 -6.51
C SER A 5 20.95 15.82 -6.87
N SER A 6 20.36 14.84 -6.18
CA SER A 6 19.11 14.23 -6.64
C SER A 6 17.92 14.34 -5.65
N GLY A 7 18.16 13.97 -4.39
CA GLY A 7 17.09 13.88 -3.41
C GLY A 7 16.33 12.57 -3.54
N LEU A 8 15.56 12.19 -2.52
CA LEU A 8 14.90 10.88 -2.55
C LEU A 8 13.45 10.97 -2.17
N ARG A 9 12.59 10.86 -3.19
CA ARG A 9 11.17 11.14 -3.05
C ARG A 9 10.33 10.05 -3.71
N LYS A 10 9.17 9.76 -3.14
CA LYS A 10 8.26 8.78 -3.71
C LYS A 10 7.80 9.22 -5.08
N MET A 11 7.72 8.24 -5.96
CA MET A 11 7.09 8.41 -7.25
C MET A 11 6.01 7.34 -7.36
N ALA A 12 5.03 7.55 -8.23
CA ALA A 12 4.04 6.52 -8.43
C ALA A 12 4.11 6.12 -9.89
N GLN A 13 3.71 4.88 -10.19
CA GLN A 13 3.63 4.42 -11.57
C GLN A 13 2.36 5.02 -12.18
N PRO A 14 2.39 5.37 -13.47
CA PRO A 14 1.27 6.03 -14.17
C PRO A 14 -0.04 5.29 -13.96
N SER A 15 -1.16 6.02 -13.91
CA SER A 15 -2.42 5.44 -13.46
C SER A 15 -3.39 5.14 -14.61
N GLY A 16 -2.92 5.28 -15.84
CA GLY A 16 -3.84 5.23 -16.97
C GLY A 16 -4.57 3.92 -17.22
N VAL A 17 -3.91 2.79 -16.99
CA VAL A 17 -4.54 1.50 -17.21
C VAL A 17 -5.57 1.19 -16.15
N VAL A 18 -5.45 1.88 -15.01
CA VAL A 18 -6.28 1.62 -13.83
C VAL A 18 -7.55 2.47 -13.88
N GLU A 19 -7.39 3.76 -14.18
CA GLU A 19 -8.49 4.73 -14.16
C GLU A 19 -9.78 4.26 -14.86
N PRO A 20 -9.68 3.59 -16.02
CA PRO A 20 -10.96 3.21 -16.63
C PRO A 20 -11.66 2.06 -15.92
N CYS A 21 -11.08 1.55 -14.84
CA CYS A 21 -11.66 0.44 -14.10
C CYS A 21 -12.36 0.89 -12.84
N ILE A 22 -12.18 2.17 -12.52
CA ILE A 22 -12.73 2.72 -11.30
C ILE A 22 -14.15 3.20 -11.51
N VAL A 23 -15.11 2.56 -10.85
CA VAL A 23 -16.49 2.99 -11.00
C VAL A 23 -17.07 3.60 -9.73
N ARG A 24 -18.11 4.38 -9.93
CA ARG A 24 -18.91 4.94 -8.87
C ARG A 24 -19.94 3.92 -8.44
N VAL A 25 -19.88 3.44 -7.20
CA VAL A 25 -20.91 2.52 -6.72
C VAL A 25 -21.75 3.15 -5.62
N ALA A 26 -23.04 3.28 -5.88
CA ALA A 26 -23.98 3.81 -4.89
C ALA A 26 -25.10 2.83 -4.55
N TYR A 27 -25.51 2.84 -3.30
CA TYR A 27 -26.68 2.08 -2.82
C TYR A 27 -27.38 2.92 -1.75
N GLY A 28 -28.64 3.26 -1.99
CA GLY A 28 -29.31 4.24 -1.16
C GLY A 28 -28.58 5.57 -1.29
N ASN A 29 -28.09 6.11 -0.17
CA ASN A 29 -27.22 7.27 -0.25
C ASN A 29 -25.76 6.91 0.08
N ASN A 30 -25.48 5.62 0.17
CA ASN A 30 -24.10 5.18 0.30
C ASN A 30 -23.39 5.27 -1.04
N VAL A 31 -22.34 6.09 -1.11
CA VAL A 31 -21.48 6.13 -2.29
C VAL A 31 -20.03 5.83 -1.97
N LEU A 32 -19.43 4.93 -2.73
CA LEU A 32 -18.00 4.67 -2.62
C LEU A 32 -17.45 4.18 -3.96
N ASN A 33 -16.15 3.90 -4.01
CA ASN A 33 -15.51 3.46 -5.26
C ASN A 33 -15.59 1.96 -5.45
N GLY A 34 -15.58 1.53 -6.71
CA GLY A 34 -15.59 0.13 -7.02
C GLY A 34 -14.65 -0.16 -8.16
N LEU A 35 -14.25 -1.42 -8.30
CA LEU A 35 -13.34 -1.81 -9.37
C LEU A 35 -14.04 -2.66 -10.43
N TRP A 36 -14.11 -2.14 -11.66
CA TRP A 36 -14.86 -2.77 -12.74
C TRP A 36 -13.97 -3.54 -13.71
N LEU A 37 -13.93 -4.86 -13.55
CA LEU A 37 -13.14 -5.73 -14.42
C LEU A 37 -14.04 -6.83 -15.00
N GLY A 38 -13.95 -7.04 -16.31
CA GLY A 38 -14.85 -7.92 -17.02
C GLY A 38 -16.31 -7.49 -16.88
N ASP A 39 -17.15 -8.46 -16.54
CA ASP A 39 -18.55 -8.16 -16.21
C ASP A 39 -18.79 -8.10 -14.70
N GLU A 40 -17.74 -7.84 -13.93
CA GLU A 40 -17.89 -7.79 -12.48
C GLU A 40 -17.41 -6.47 -11.91
N VAL A 41 -17.95 -6.12 -10.76
CA VAL A 41 -17.52 -4.95 -10.02
C VAL A 41 -17.22 -5.35 -8.57
N ILE A 42 -16.03 -4.97 -8.10
CA ILE A 42 -15.61 -5.28 -6.73
C ILE A 42 -15.64 -4.02 -5.89
N CYS A 43 -16.24 -4.08 -4.72
CA CYS A 43 -16.29 -2.92 -3.83
C CYS A 43 -16.41 -3.34 -2.35
N PRO A 44 -16.11 -2.40 -1.41
CA PRO A 44 -16.27 -2.78 -0.01
C PRO A 44 -17.74 -3.03 0.32
N ARG A 45 -18.01 -3.99 1.17
CA ARG A 45 -19.37 -4.44 1.41
C ARG A 45 -20.26 -3.42 2.13
N HIS A 46 -19.65 -2.48 2.85
CA HIS A 46 -20.40 -1.55 3.71
C HIS A 46 -21.29 -0.60 2.95
N VAL A 47 -21.20 -0.62 1.63
CA VAL A 47 -22.09 0.20 0.82
C VAL A 47 -23.54 -0.30 1.00
N ILE A 48 -23.68 -1.51 1.54
CA ILE A 48 -25.01 -2.10 1.77
C ILE A 48 -25.43 -1.98 3.23
N ALA A 49 -24.46 -1.71 4.10
CA ALA A 49 -24.74 -1.54 5.53
C ALA A 49 -25.73 -0.41 5.75
N SER A 50 -26.70 -0.65 6.64
CA SER A 50 -27.70 0.36 6.97
C SER A 50 -27.05 1.46 7.79
N ASP A 51 -25.87 1.16 8.32
CA ASP A 51 -25.17 2.02 9.26
C ASP A 51 -23.76 1.49 9.49
N THR A 52 -22.82 2.41 9.72
CA THR A 52 -21.42 2.03 9.75
C THR A 52 -20.70 2.45 11.03
N SER A 53 -21.45 2.52 12.14
CA SER A 53 -20.86 2.96 13.40
C SER A 53 -21.00 1.93 14.52
N ARG A 54 -21.74 0.85 14.27
CA ARG A 54 -21.74 -0.29 15.19
C ARG A 54 -21.74 -1.57 14.36
N VAL A 55 -21.57 -2.72 15.00
CA VAL A 55 -21.33 -3.95 14.26
C VAL A 55 -22.55 -4.36 13.42
N ILE A 56 -22.28 -4.64 12.14
CA ILE A 56 -23.32 -5.00 11.19
C ILE A 56 -23.39 -6.51 10.99
N ASN A 57 -24.60 -7.06 10.98
CA ASN A 57 -24.80 -8.45 10.62
C ASN A 57 -24.79 -8.58 9.10
N TYR A 58 -23.60 -8.71 8.53
CA TYR A 58 -23.44 -8.59 7.09
C TYR A 58 -24.17 -9.65 6.29
N GLU A 59 -24.27 -10.86 6.84
CA GLU A 59 -25.01 -11.91 6.14
C GLU A 59 -26.49 -11.55 6.03
N ASN A 60 -27.00 -10.83 7.02
CA ASN A 60 -28.41 -10.42 7.00
C ASN A 60 -28.64 -9.30 5.99
N GLU A 61 -27.64 -8.44 5.82
CA GLU A 61 -27.75 -7.33 4.88
C GLU A 61 -27.52 -7.78 3.43
N LEU A 62 -27.07 -9.01 3.25
CA LEU A 62 -26.97 -9.59 1.90
C LEU A 62 -28.32 -10.16 1.48
N SER A 63 -29.03 -10.76 2.44
CA SER A 63 -30.38 -11.24 2.18
C SER A 63 -31.30 -10.05 1.90
N SER A 64 -31.01 -8.97 2.60
CA SER A 64 -31.77 -7.72 2.54
C SER A 64 -31.55 -6.87 1.28
N VAL A 65 -30.59 -7.23 0.44
CA VAL A 65 -30.19 -6.32 -0.62
C VAL A 65 -31.20 -6.23 -1.76
N ARG A 66 -31.37 -5.01 -2.25
CA ARG A 66 -32.32 -4.65 -3.30
C ARG A 66 -31.56 -4.09 -4.51
N LEU A 67 -31.68 -4.75 -5.65
CA LEU A 67 -30.84 -4.41 -6.81
C LEU A 67 -31.17 -3.10 -7.51
N HIS A 68 -32.36 -2.60 -7.30
CA HIS A 68 -32.80 -1.36 -7.95
C HIS A 68 -32.26 -0.09 -7.27
N ASN A 69 -31.79 -0.26 -6.04
CA ASN A 69 -31.13 0.81 -5.27
C ASN A 69 -29.68 1.02 -5.69
N PHE A 70 -29.12 0.04 -6.38
CA PHE A 70 -27.76 0.17 -6.88
C PHE A 70 -27.70 1.20 -7.99
N SER A 71 -26.88 2.22 -7.80
CA SER A 71 -26.56 3.18 -8.84
C SER A 71 -25.05 3.13 -9.11
N ILE A 72 -24.66 2.29 -10.08
CA ILE A 72 -23.25 2.17 -10.48
C ILE A 72 -22.98 2.90 -11.80
N ALA A 73 -22.02 3.81 -11.78
CA ALA A 73 -21.79 4.70 -12.90
C ALA A 73 -20.33 4.71 -13.33
N LYS A 74 -20.10 4.75 -14.64
CA LYS A 74 -18.75 4.91 -15.22
C LYS A 74 -18.82 5.56 -16.59
N ASN A 75 -18.41 6.82 -16.68
CA ASN A 75 -18.53 7.56 -17.92
C ASN A 75 -19.98 7.60 -18.40
N ASN A 76 -20.22 7.18 -19.65
CA ASN A 76 -21.56 7.17 -20.20
C ASN A 76 -22.34 5.90 -19.89
N ALA A 77 -21.69 4.99 -19.17
CA ALA A 77 -22.28 3.69 -18.83
C ALA A 77 -22.96 3.67 -17.46
N PHE A 78 -24.17 3.12 -17.44
CA PHE A 78 -24.85 2.77 -16.21
C PHE A 78 -24.95 1.25 -16.14
N LEU A 79 -24.40 0.66 -15.10
CA LEU A 79 -24.26 -0.79 -15.02
C LEU A 79 -25.30 -1.38 -14.07
N GLY A 80 -26.15 -2.23 -14.62
CA GLY A 80 -27.21 -2.88 -13.86
C GLY A 80 -26.68 -4.11 -13.16
N VAL A 81 -26.98 -4.23 -11.87
CA VAL A 81 -26.47 -5.35 -11.09
C VAL A 81 -27.30 -6.58 -11.40
N VAL A 82 -26.67 -7.60 -11.97
CA VAL A 82 -27.37 -8.84 -12.24
C VAL A 82 -27.48 -9.64 -10.94
N SER A 83 -26.37 -9.75 -10.22
CA SER A 83 -26.36 -10.44 -8.93
C SER A 83 -25.30 -9.87 -7.97
N ALA A 84 -25.47 -10.18 -6.68
CA ALA A 84 -24.59 -9.71 -5.62
C ALA A 84 -24.06 -10.87 -4.77
N LYS A 85 -22.87 -10.68 -4.20
CA LYS A 85 -22.24 -11.73 -3.40
C LYS A 85 -21.07 -11.17 -2.58
N TYR A 86 -20.66 -11.92 -1.56
CA TYR A 86 -19.47 -11.56 -0.82
C TYR A 86 -18.27 -12.36 -1.29
N LYS A 87 -17.11 -11.71 -1.39
CA LYS A 87 -15.83 -12.41 -1.37
C LYS A 87 -14.95 -11.78 -0.29
N GLY A 88 -15.17 -12.22 0.94
CA GLY A 88 -14.49 -11.65 2.09
C GLY A 88 -15.16 -10.34 2.51
N VAL A 89 -14.36 -9.31 2.73
CA VAL A 89 -14.90 -8.03 3.16
C VAL A 89 -15.40 -7.17 1.99
N ASN A 90 -15.34 -7.72 0.79
CA ASN A 90 -15.81 -6.98 -0.39
C ASN A 90 -17.03 -7.58 -1.05
N LEU A 91 -17.77 -6.74 -1.76
CA LEU A 91 -18.84 -7.22 -2.61
C LEU A 91 -18.32 -7.57 -3.99
N VAL A 92 -18.92 -8.59 -4.58
CA VAL A 92 -18.71 -8.90 -5.98
C VAL A 92 -20.04 -8.85 -6.70
N LEU A 93 -20.25 -7.78 -7.46
CA LEU A 93 -21.48 -7.59 -8.22
C LEU A 93 -21.26 -7.98 -9.68
N LYS A 94 -22.13 -8.85 -10.21
CA LYS A 94 -22.13 -9.11 -11.64
C LYS A 94 -23.03 -8.10 -12.33
N VAL A 95 -22.50 -7.44 -13.35
CA VAL A 95 -23.22 -6.40 -14.07
C VAL A 95 -23.52 -6.83 -15.51
N ASN A 96 -24.40 -6.11 -16.18
CA ASN A 96 -24.86 -6.50 -17.51
C ASN A 96 -23.94 -6.02 -18.64
N GLN A 97 -22.86 -5.33 -18.28
CA GLN A 97 -21.91 -4.86 -19.30
C GLN A 97 -20.49 -5.22 -18.95
N VAL A 98 -19.77 -5.68 -19.96
CA VAL A 98 -18.35 -5.94 -19.87
C VAL A 98 -17.54 -4.65 -20.08
N ASN A 99 -16.61 -4.36 -19.16
CA ASN A 99 -15.70 -3.22 -19.30
C ASN A 99 -14.85 -3.34 -20.57
N PRO A 100 -15.08 -2.44 -21.53
CA PRO A 100 -14.40 -2.48 -22.84
C PRO A 100 -12.93 -2.12 -22.74
N ASN A 101 -12.54 -1.52 -21.61
CA ASN A 101 -11.14 -1.20 -21.39
C ASN A 101 -10.54 -2.04 -20.27
N THR A 102 -10.95 -3.29 -20.14
CA THR A 102 -10.32 -4.18 -19.15
C THR A 102 -8.88 -4.49 -19.60
N PRO A 103 -7.91 -4.23 -18.73
CA PRO A 103 -6.51 -4.53 -19.06
C PRO A 103 -6.17 -5.96 -18.65
N GLU A 104 -5.12 -6.54 -19.23
CA GLU A 104 -4.59 -7.78 -18.66
C GLU A 104 -4.18 -7.46 -17.21
N HIS A 105 -4.55 -8.32 -16.28
CA HIS A 105 -4.35 -8.02 -14.87
C HIS A 105 -4.23 -9.29 -14.05
N LYS A 106 -3.72 -9.13 -12.83
CA LYS A 106 -3.71 -10.20 -11.85
C LYS A 106 -3.90 -9.66 -10.45
N PHE A 107 -4.23 -10.54 -9.52
CA PHE A 107 -4.36 -10.17 -8.14
C PHE A 107 -3.27 -10.84 -7.34
N LYS A 108 -2.62 -10.06 -6.48
CA LYS A 108 -1.74 -10.64 -5.50
C LYS A 108 -1.74 -9.74 -4.30
N SER A 109 -1.19 -10.26 -3.21
CA SER A 109 -1.01 -9.48 -2.00
C SER A 109 0.40 -8.89 -1.99
N VAL A 110 0.50 -7.65 -1.56
CA VAL A 110 1.78 -7.00 -1.40
C VAL A 110 2.34 -7.42 -0.03
N ARG A 111 3.66 -7.57 0.07
CA ARG A 111 4.29 -8.06 1.29
C ARG A 111 4.85 -6.90 2.11
N PRO A 112 5.13 -7.13 3.41
CA PRO A 112 5.72 -6.03 4.19
C PRO A 112 7.05 -5.57 3.62
N GLY A 113 7.17 -4.26 3.44
CA GLY A 113 8.35 -3.65 2.87
C GLY A 113 8.20 -3.32 1.39
N GLU A 114 7.18 -3.86 0.73
CA GLU A 114 7.07 -3.62 -0.70
C GLU A 114 6.33 -2.32 -0.99
N SER A 115 6.82 -1.61 -2.00
CA SER A 115 6.17 -0.39 -2.47
C SER A 115 5.03 -0.74 -3.44
N PHE A 116 3.97 0.07 -3.43
CA PHE A 116 2.98 0.01 -4.49
C PHE A 116 2.31 1.37 -4.63
N ASN A 117 1.33 1.46 -5.51
CA ASN A 117 0.66 2.71 -5.83
C ASN A 117 -0.78 2.75 -5.33
N ILE A 118 -1.20 3.92 -4.83
CA ILE A 118 -2.60 4.22 -4.51
C ILE A 118 -3.18 5.16 -5.54
N LEU A 119 -4.30 4.76 -6.14
CA LEU A 119 -5.09 5.69 -6.94
C LEU A 119 -6.28 6.11 -6.09
N ALA A 120 -6.18 7.27 -5.44
CA ALA A 120 -7.23 7.76 -4.56
C ALA A 120 -8.38 8.37 -5.38
N CYS A 121 -9.58 7.82 -5.20
CA CYS A 121 -10.73 8.22 -6.00
C CYS A 121 -11.91 8.65 -5.13
N TYR A 122 -12.48 9.81 -5.44
CA TYR A 122 -13.65 10.29 -4.70
C TYR A 122 -14.94 9.93 -5.43
N GLU A 123 -15.62 8.91 -4.91
CA GLU A 123 -16.94 8.51 -5.39
C GLU A 123 -17.00 8.33 -6.91
N GLY A 124 -16.05 7.53 -7.42
CA GLY A 124 -15.97 7.23 -8.83
C GLY A 124 -14.86 8.00 -9.50
N CYS A 125 -14.59 9.23 -9.06
CA CYS A 125 -13.66 10.08 -9.80
C CYS A 125 -12.22 9.98 -9.26
N PRO A 126 -11.30 9.40 -10.06
CA PRO A 126 -9.91 9.28 -9.60
C PRO A 126 -9.38 10.67 -9.32
N GLY A 127 -8.63 10.85 -8.24
CA GLY A 127 -8.25 12.17 -7.82
C GLY A 127 -6.76 12.40 -7.73
N SER A 128 -6.02 11.42 -7.23
CA SER A 128 -4.57 11.56 -7.13
C SER A 128 -3.86 10.21 -7.11
N VAL A 129 -2.56 10.25 -7.36
CA VAL A 129 -1.70 9.09 -7.47
C VAL A 129 -0.44 9.29 -6.64
N TYR A 130 -0.09 8.30 -5.83
CA TYR A 130 1.15 8.38 -5.03
C TYR A 130 1.64 7.01 -4.54
N GLY A 131 2.92 6.94 -4.19
CA GLY A 131 3.49 5.69 -3.75
C GLY A 131 3.40 5.47 -2.25
N VAL A 132 3.14 4.22 -1.89
CA VAL A 132 3.14 3.81 -0.48
C VAL A 132 3.95 2.53 -0.33
N ASN A 133 3.87 1.97 0.86
CA ASN A 133 4.72 0.85 1.24
C ASN A 133 4.00 0.08 2.35
N MET A 134 3.75 -1.20 2.11
CA MET A 134 3.04 -2.03 3.06
C MET A 134 3.90 -2.30 4.29
N ARG A 135 3.30 -2.19 5.47
CA ARG A 135 4.05 -2.35 6.70
C ARG A 135 3.66 -3.67 7.35
N SER A 136 4.56 -4.19 8.19
CA SER A 136 4.40 -5.53 8.78
C SER A 136 3.11 -5.76 9.54
N GLN A 137 2.57 -4.71 10.15
CA GLN A 137 1.30 -4.83 10.86
C GLN A 137 0.13 -4.74 9.87
N GLY A 138 0.42 -4.72 8.58
CA GLY A 138 -0.63 -4.78 7.58
C GLY A 138 -1.35 -3.47 7.41
N THR A 139 -0.69 -2.37 7.77
CA THR A 139 -1.29 -1.06 7.56
C THR A 139 -0.42 -0.24 6.63
N ILE A 140 -0.99 0.85 6.11
CA ILE A 140 -0.21 1.82 5.35
C ILE A 140 -0.49 3.23 5.84
N LYS A 141 0.35 4.15 5.39
CA LYS A 141 0.20 5.58 5.63
C LYS A 141 -0.38 6.25 4.38
N GLY A 142 -1.68 6.17 4.23
CA GLY A 142 -2.27 6.82 3.08
C GLY A 142 -2.57 8.29 3.29
N SER A 143 -3.19 8.90 2.29
CA SER A 143 -3.95 10.13 2.48
C SER A 143 -5.35 9.81 1.97
N PHE A 144 -6.20 9.31 2.86
CA PHE A 144 -7.55 8.91 2.47
C PHE A 144 -8.60 9.84 3.06
N ILE A 145 -8.97 10.84 2.27
CA ILE A 145 -10.06 11.75 2.58
C ILE A 145 -11.40 10.99 2.54
N ALA A 146 -12.34 11.37 3.39
CA ALA A 146 -13.69 10.83 3.31
C ALA A 146 -14.17 10.93 1.86
N GLY A 147 -14.70 9.82 1.34
CA GLY A 147 -15.08 9.73 -0.06
C GLY A 147 -14.30 8.69 -0.84
N THR A 148 -13.15 8.30 -0.30
CA THR A 148 -12.19 7.49 -1.04
C THR A 148 -12.24 6.01 -0.69
N CYS A 149 -13.30 5.59 -0.02
CA CYS A 149 -13.46 4.19 0.38
C CYS A 149 -13.51 3.34 -0.87
N GLY A 150 -12.80 2.22 -0.86
CA GLY A 150 -12.73 1.37 -2.03
C GLY A 150 -11.71 1.83 -3.07
N SER A 151 -10.92 2.85 -2.74
CA SER A 151 -9.85 3.28 -3.64
C SER A 151 -8.83 2.16 -3.77
N VAL A 152 -8.17 2.13 -4.92
CA VAL A 152 -7.49 0.93 -5.35
C VAL A 152 -5.98 1.07 -5.38
N GLY A 153 -5.30 0.04 -4.87
CA GLY A 153 -3.87 -0.04 -4.96
C GLY A 153 -3.39 -1.03 -6.00
N TYR A 154 -2.28 -0.72 -6.64
CA TYR A 154 -1.77 -1.53 -7.72
C TYR A 154 -0.26 -1.42 -7.86
N VAL A 155 0.35 -2.38 -8.52
CA VAL A 155 1.75 -2.27 -8.86
C VAL A 155 1.97 -2.94 -10.22
N LEU A 156 2.85 -2.37 -11.04
CA LEU A 156 3.17 -2.91 -12.36
C LEU A 156 4.54 -3.58 -12.37
N GLU A 157 4.58 -4.83 -12.81
CA GLU A 157 5.83 -5.56 -12.99
C GLU A 157 5.83 -6.30 -14.32
N ASN A 158 6.73 -5.91 -15.24
CA ASN A 158 7.13 -6.71 -16.41
C ASN A 158 6.33 -6.77 -17.75
N GLY A 159 5.37 -5.90 -18.06
CA GLY A 159 4.70 -4.96 -17.17
C GLY A 159 3.32 -5.54 -16.94
N THR A 160 3.28 -6.50 -16.04
CA THR A 160 2.03 -7.11 -15.63
C THR A 160 1.39 -6.24 -14.57
N LEU A 161 0.13 -5.91 -14.79
CA LEU A 161 -0.65 -5.14 -13.85
C LEU A 161 -1.17 -6.03 -12.72
N TYR A 162 -0.77 -5.74 -11.49
CA TYR A 162 -1.31 -6.42 -10.31
C TYR A 162 -2.18 -5.47 -9.51
N PHE A 163 -3.39 -5.90 -9.20
CA PHE A 163 -4.24 -5.18 -8.27
C PHE A 163 -3.99 -5.76 -6.90
N VAL A 164 -3.65 -4.91 -5.93
CA VAL A 164 -3.18 -5.39 -4.64
C VAL A 164 -3.93 -4.85 -3.43
N TYR A 165 -4.70 -3.78 -3.63
CA TYR A 165 -5.27 -3.11 -2.47
C TYR A 165 -6.64 -2.45 -2.75
N MET A 166 -7.53 -2.53 -1.78
CA MET A 166 -8.80 -1.83 -1.82
C MET A 166 -9.08 -1.26 -0.43
N HIS A 167 -9.38 0.04 -0.38
CA HIS A 167 -9.35 0.75 0.88
C HIS A 167 -10.63 0.63 1.74
N HIS A 168 -10.40 0.35 3.02
CA HIS A 168 -11.48 0.05 3.95
C HIS A 168 -11.46 0.96 5.18
N LEU A 169 -10.63 0.70 6.18
CA LEU A 169 -10.78 1.49 7.42
C LEU A 169 -9.55 2.29 7.88
N GLU A 170 -9.79 3.21 8.82
CA GLU A 170 -8.75 4.03 9.44
C GLU A 170 -8.74 3.75 10.93
N LEU A 171 -7.55 3.54 11.46
CA LEU A 171 -7.36 3.27 12.88
C LEU A 171 -7.09 4.57 13.60
N GLY A 172 -7.14 4.53 14.92
CA GLY A 172 -6.98 5.72 15.74
C GLY A 172 -5.68 6.48 15.52
N ASN A 173 -4.59 5.79 15.20
CA ASN A 173 -3.34 6.51 14.98
C ASN A 173 -3.24 7.04 13.56
N GLY A 174 -4.30 6.83 12.79
CA GLY A 174 -4.31 7.30 11.41
C GLY A 174 -3.80 6.27 10.42
N SER A 175 -3.38 5.11 10.91
CA SER A 175 -2.96 4.04 10.01
C SER A 175 -4.15 3.57 9.17
N HIS A 176 -3.88 3.21 7.93
CA HIS A 176 -4.94 2.82 7.01
C HIS A 176 -4.86 1.31 6.68
N VAL A 177 -6.02 0.65 6.81
CA VAL A 177 -6.15 -0.78 6.60
C VAL A 177 -7.06 -1.03 5.41
N GLY A 178 -6.52 -1.73 4.41
CA GLY A 178 -7.29 -2.11 3.25
C GLY A 178 -7.31 -3.62 3.13
N SER A 179 -8.02 -4.12 2.13
CA SER A 179 -8.00 -5.54 1.85
C SER A 179 -7.29 -5.77 0.52
N ASN A 180 -6.93 -7.01 0.23
CA ASN A 180 -6.57 -7.34 -1.15
C ASN A 180 -7.89 -7.58 -1.91
N LEU A 181 -7.81 -8.13 -3.12
CA LEU A 181 -9.01 -8.23 -3.93
C LEU A 181 -9.69 -9.60 -3.85
N GLU A 182 -9.00 -10.54 -3.24
CA GLU A 182 -9.64 -11.80 -2.85
C GLU A 182 -10.50 -11.51 -1.62
N GLY A 183 -10.35 -10.33 -1.04
CA GLY A 183 -11.26 -9.86 -0.01
C GLY A 183 -10.79 -10.18 1.40
N GLU A 184 -9.49 -10.47 1.52
CA GLU A 184 -8.87 -10.70 2.83
C GLU A 184 -8.26 -9.40 3.28
N MET A 185 -8.47 -9.06 4.54
CA MET A 185 -8.00 -7.81 5.11
C MET A 185 -6.53 -7.92 5.50
N TYR A 186 -5.76 -6.90 5.15
CA TYR A 186 -4.37 -6.83 5.52
C TYR A 186 -4.29 -6.72 7.03
N GLY A 187 -3.30 -7.38 7.63
CA GLY A 187 -3.16 -7.38 9.07
C GLY A 187 -4.17 -8.22 9.83
N GLY A 188 -5.23 -8.69 9.15
CA GLY A 188 -6.22 -9.51 9.84
C GLY A 188 -7.27 -8.74 10.62
N TYR A 189 -7.37 -7.43 10.34
CA TYR A 189 -8.32 -6.57 11.02
C TYR A 189 -9.73 -6.82 10.52
N GLU A 190 -10.68 -6.97 11.44
CA GLU A 190 -12.05 -7.25 11.02
C GLU A 190 -12.75 -5.99 10.52
N ASP A 191 -13.63 -6.21 9.55
CA ASP A 191 -14.39 -5.19 8.85
C ASP A 191 -15.48 -4.52 9.70
N GLN A 192 -15.13 -4.12 10.92
CA GLN A 192 -16.13 -3.59 11.84
C GLN A 192 -15.64 -2.35 12.57
N PRO A 193 -16.58 -1.43 12.87
CA PRO A 193 -16.21 -0.26 13.68
C PRO A 193 -15.98 -0.65 15.12
N SER A 194 -15.07 -1.59 15.35
CA SER A 194 -14.79 -2.09 16.69
C SER A 194 -13.48 -1.51 17.21
N MET A 195 -13.19 -1.75 18.47
CA MET A 195 -11.93 -1.34 19.06
C MET A 195 -10.83 -2.20 18.50
N GLN A 196 -10.10 -1.66 17.55
CA GLN A 196 -8.97 -2.37 17.00
C GLN A 196 -7.76 -1.48 17.06
N LEU A 197 -6.60 -2.10 17.22
CA LEU A 197 -5.41 -1.36 17.55
C LEU A 197 -4.23 -1.97 16.82
N GLU A 198 -3.38 -1.12 16.27
CA GLU A 198 -2.22 -1.54 15.50
C GLU A 198 -1.06 -1.92 16.41
N GLY A 199 -0.41 -3.04 16.11
CA GLY A 199 0.75 -3.46 16.87
C GLY A 199 1.94 -2.64 16.45
N THR A 200 3.14 -3.21 16.59
CA THR A 200 4.36 -2.51 16.24
C THR A 200 4.93 -3.00 14.93
N ASN A 201 5.20 -2.06 14.06
CA ASN A 201 5.77 -2.39 12.77
C ASN A 201 7.26 -2.63 12.84
N VAL A 202 7.67 -3.71 12.22
CA VAL A 202 9.06 -4.08 12.13
C VAL A 202 9.63 -3.38 10.90
N MET A 203 10.69 -2.61 11.12
CA MET A 203 11.33 -1.85 10.03
C MET A 203 12.04 -2.73 9.01
N SER A 204 11.92 -2.39 7.74
CA SER A 204 12.61 -3.13 6.69
C SER A 204 14.07 -2.70 6.54
N SER A 205 14.99 -3.54 7.02
CA SER A 205 16.41 -3.21 6.99
C SER A 205 16.92 -3.04 5.56
N ASP A 206 16.39 -3.87 4.65
CA ASP A 206 16.73 -3.83 3.21
C ASP A 206 16.45 -2.46 2.64
N ASN A 207 15.28 -1.93 2.98
CA ASN A 207 14.88 -0.60 2.58
C ASN A 207 15.75 0.48 3.20
N VAL A 208 16.02 0.37 4.50
CA VAL A 208 16.82 1.37 5.19
C VAL A 208 18.24 1.43 4.64
N VAL A 209 18.85 0.27 4.41
CA VAL A 209 20.17 0.22 3.76
C VAL A 209 20.15 0.91 2.38
N ALA A 210 19.07 0.70 1.62
CA ALA A 210 18.88 1.34 0.30
C ALA A 210 18.85 2.86 0.42
N PHE A 211 18.07 3.33 1.38
CA PHE A 211 17.97 4.73 1.77
C PHE A 211 19.37 5.33 1.99
N LEU A 212 20.19 4.63 2.77
CA LEU A 212 21.52 5.12 3.07
C LEU A 212 22.45 5.11 1.83
N TYR A 213 22.31 4.10 0.98
CA TYR A 213 23.08 4.07 -0.27
C TYR A 213 22.72 5.28 -1.15
N ALA A 214 21.42 5.59 -1.20
CA ALA A 214 20.93 6.79 -1.90
C ALA A 214 21.64 8.08 -1.41
N ALA A 215 21.77 8.22 -0.10
CA ALA A 215 22.37 9.40 0.50
C ALA A 215 23.85 9.50 0.11
N LEU A 216 24.55 8.38 0.21
CA LEU A 216 25.95 8.30 -0.21
C LEU A 216 26.11 8.71 -1.67
N ILE A 217 25.27 8.11 -2.52
CA ILE A 217 25.26 8.44 -3.95
C ILE A 217 25.08 9.93 -4.12
N ASN A 218 24.09 10.47 -3.42
CA ASN A 218 23.86 11.90 -3.41
C ASN A 218 25.05 12.74 -2.91
N GLY A 219 26.03 12.11 -2.25
CA GLY A 219 27.16 12.82 -1.71
C GLY A 219 27.04 13.17 -0.23
N GLU A 220 26.03 12.64 0.43
CA GLU A 220 25.82 12.80 1.87
C GLU A 220 26.51 11.70 2.66
N ARG A 221 27.47 12.05 3.51
CA ARG A 221 28.34 11.06 4.14
C ARG A 221 28.66 11.28 5.62
N TRP A 222 28.08 12.31 6.22
CA TRP A 222 28.41 12.66 7.61
C TRP A 222 28.13 11.54 8.61
N PHE A 223 27.20 10.66 8.27
CA PHE A 223 26.78 9.59 9.17
C PHE A 223 27.67 8.35 9.08
N VAL A 224 28.59 8.32 8.12
CA VAL A 224 29.41 7.12 7.96
C VAL A 224 30.47 7.06 9.05
N THR A 225 30.64 5.86 9.59
CA THR A 225 31.39 5.58 10.82
C THR A 225 32.75 5.00 10.47
N ASN A 226 33.67 5.05 11.45
CA ASN A 226 34.99 4.42 11.34
C ASN A 226 34.98 2.93 11.64
N THR A 227 33.78 2.37 11.82
CA THR A 227 33.61 0.96 12.16
C THR A 227 32.47 0.32 11.35
N SER A 228 32.15 -0.92 11.68
CA SER A 228 31.13 -1.69 10.99
C SER A 228 30.55 -2.83 11.82
N MET A 229 29.54 -3.47 11.25
CA MET A 229 28.80 -4.54 11.90
C MET A 229 28.58 -5.72 10.96
N THR A 230 29.02 -6.90 11.38
CA THR A 230 28.82 -8.12 10.61
C THR A 230 27.35 -8.39 10.41
N LEU A 231 27.05 -9.08 9.32
CA LEU A 231 25.69 -9.48 8.99
C LEU A 231 25.00 -10.23 10.15
N GLU A 232 25.72 -11.15 10.78
CA GLU A 232 25.15 -11.96 11.86
C GLU A 232 24.98 -11.20 13.18
N SER A 233 25.76 -10.15 13.40
CA SER A 233 25.57 -9.33 14.59
C SER A 233 24.36 -8.45 14.40
N TYR A 234 24.23 -7.88 13.21
CA TYR A 234 23.11 -7.03 12.89
C TYR A 234 21.79 -7.76 13.13
N ASN A 235 21.62 -8.92 12.46
CA ASN A 235 20.43 -9.74 12.64
C ASN A 235 20.13 -10.09 14.10
N ALA A 236 21.17 -10.33 14.90
CA ALA A 236 20.97 -10.60 16.31
C ALA A 236 20.41 -9.36 17.00
N TRP A 237 20.91 -8.19 16.60
CA TRP A 237 20.42 -6.93 17.14
C TRP A 237 19.04 -6.60 16.58
N ALA A 238 18.88 -6.82 15.28
CA ALA A 238 17.61 -6.58 14.58
C ALA A 238 16.43 -7.31 15.25
N LYS A 239 16.68 -8.54 15.67
CA LYS A 239 15.64 -9.38 16.25
C LYS A 239 15.00 -8.76 17.51
N THR A 240 15.81 -8.04 18.31
CA THR A 240 15.30 -7.40 19.53
C THR A 240 15.03 -5.90 19.38
N ASN A 241 15.04 -5.39 18.17
CA ASN A 241 14.89 -3.96 17.98
C ASN A 241 13.87 -3.60 16.90
N SER A 242 12.98 -4.56 16.62
CA SER A 242 11.93 -4.38 15.60
C SER A 242 12.49 -4.01 14.21
N PHE A 243 13.59 -4.64 13.81
CA PHE A 243 14.08 -4.55 12.42
C PHE A 243 14.08 -5.94 11.82
N THR A 244 13.89 -6.04 10.50
CA THR A 244 13.95 -7.34 9.86
C THR A 244 15.41 -7.79 9.82
N GLU A 245 15.64 -9.09 9.69
CA GLU A 245 16.97 -9.63 9.52
C GLU A 245 17.38 -9.62 8.04
N ILE A 246 18.66 -9.35 7.76
CA ILE A 246 19.14 -9.34 6.38
C ILE A 246 19.63 -10.70 5.92
N VAL A 247 19.04 -11.21 4.84
CA VAL A 247 19.39 -12.51 4.28
C VAL A 247 20.70 -12.48 3.50
N SER A 248 20.80 -11.56 2.53
CA SER A 248 21.98 -11.52 1.67
C SER A 248 22.41 -10.10 1.30
N THR A 249 23.73 -9.94 1.12
CA THR A 249 24.37 -8.71 0.64
C THR A 249 24.10 -8.49 -0.85
N ASP A 250 23.59 -9.54 -1.49
CA ASP A 250 23.61 -9.66 -2.95
C ASP A 250 22.87 -8.55 -3.71
N ALA A 251 21.70 -8.15 -3.23
CA ALA A 251 20.95 -7.09 -3.89
C ALA A 251 21.63 -5.73 -3.72
N PHE A 252 22.63 -5.67 -2.85
CA PHE A 252 23.35 -4.42 -2.61
C PHE A 252 24.72 -4.37 -3.26
N ASN A 253 25.11 -5.45 -3.95
CA ASN A 253 26.51 -5.56 -4.37
C ASN A 253 26.89 -4.54 -5.46
N MET A 254 25.93 -4.08 -6.26
CA MET A 254 26.22 -3.00 -7.18
C MET A 254 26.36 -1.72 -6.39
N LEU A 255 25.36 -1.43 -5.54
CA LEU A 255 25.35 -0.21 -4.75
C LEU A 255 26.58 -0.10 -3.86
N ALA A 256 27.06 -1.24 -3.39
CA ALA A 256 28.24 -1.30 -2.54
C ALA A 256 29.54 -0.91 -3.28
N ALA A 257 29.72 -1.43 -4.49
CA ALA A 257 30.94 -1.17 -5.26
C ALA A 257 30.92 0.25 -5.83
N LYS A 258 29.73 0.74 -6.12
CA LYS A 258 29.55 2.08 -6.68
C LYS A 258 29.80 3.20 -5.66
N THR A 259 29.51 2.95 -4.40
CA THR A 259 29.80 3.95 -3.39
C THR A 259 31.15 3.69 -2.76
N GLY A 260 31.58 2.42 -2.77
CA GLY A 260 32.75 2.02 -2.00
C GLY A 260 32.47 1.70 -0.53
N TYR A 261 31.20 1.71 -0.14
CA TYR A 261 30.81 1.36 1.22
C TYR A 261 30.17 -0.01 1.29
N SER A 262 30.66 -0.86 2.17
CA SER A 262 30.12 -2.21 2.31
C SER A 262 28.81 -2.15 3.09
N VAL A 263 28.03 -3.21 3.01
CA VAL A 263 26.76 -3.28 3.73
C VAL A 263 27.06 -3.32 5.22
N GLU A 264 28.11 -4.06 5.57
CA GLU A 264 28.61 -4.14 6.95
C GLU A 264 28.75 -2.76 7.59
N LYS A 265 29.26 -1.79 6.83
CA LYS A 265 29.43 -0.43 7.34
C LYS A 265 28.07 0.29 7.51
N LEU A 266 27.12 0.03 6.61
CA LEU A 266 25.80 0.67 6.73
C LEU A 266 24.93 -0.01 7.79
N LEU A 267 25.28 -1.24 8.16
CA LEU A 267 24.60 -1.89 9.28
C LEU A 267 24.87 -1.16 10.59
N GLU A 268 26.14 -0.84 10.88
CA GLU A 268 26.46 -0.13 12.13
C GLU A 268 25.83 1.26 12.16
N CYS A 269 25.74 1.89 10.99
CA CYS A 269 25.05 3.17 10.88
C CYS A 269 23.60 3.05 11.31
N ILE A 270 22.94 1.99 10.86
CA ILE A 270 21.56 1.78 11.23
C ILE A 270 21.44 1.70 12.75
N VAL A 271 22.36 0.97 13.38
CA VAL A 271 22.29 0.84 14.84
C VAL A 271 22.48 2.18 15.57
N ARG A 272 23.48 2.97 15.14
CA ARG A 272 23.74 4.24 15.80
C ARG A 272 22.65 5.25 15.45
N LEU A 273 22.32 5.33 14.17
CA LEU A 273 21.36 6.34 13.71
C LEU A 273 19.97 6.11 14.30
N ASN A 274 19.66 4.85 14.62
CA ASN A 274 18.38 4.51 15.25
C ASN A 274 18.20 5.16 16.61
N LYS A 275 19.31 5.56 17.23
CA LYS A 275 19.26 6.23 18.52
C LYS A 275 18.98 7.72 18.33
N GLY A 276 18.76 8.14 17.08
CA GLY A 276 18.47 9.53 16.78
C GLY A 276 19.46 10.14 15.81
N PHE A 277 19.02 11.12 15.02
CA PHE A 277 19.88 11.76 14.03
C PHE A 277 20.69 12.90 14.64
N GLY A 278 20.36 13.24 15.88
CA GLY A 278 21.08 14.28 16.59
C GLY A 278 20.92 15.63 15.94
N GLY A 279 19.74 15.87 15.35
CA GLY A 279 19.42 17.19 14.85
C GLY A 279 19.74 17.39 13.39
N ARG A 280 20.68 16.60 12.88
CA ARG A 280 21.05 16.67 11.46
C ARG A 280 20.00 15.97 10.60
N THR A 281 20.19 15.96 9.28
CA THR A 281 19.28 15.23 8.39
C THR A 281 20.01 14.35 7.38
N ILE A 282 19.31 13.33 6.88
CA ILE A 282 19.83 12.51 5.78
C ILE A 282 18.81 12.53 4.65
N LEU A 283 19.23 13.05 3.50
CA LEU A 283 18.34 13.24 2.35
C LEU A 283 17.12 14.05 2.79
N SER A 284 17.36 15.01 3.69
CA SER A 284 16.31 15.84 4.32
C SER A 284 15.33 15.12 5.25
N TYR A 285 15.49 13.82 5.47
CA TYR A 285 14.62 13.16 6.44
C TYR A 285 15.13 13.37 7.86
N GLY A 286 14.24 13.29 8.85
CA GLY A 286 14.64 13.43 10.24
C GLY A 286 15.02 12.12 10.90
N SER A 287 14.74 11.01 10.22
CA SER A 287 15.09 9.70 10.74
C SER A 287 15.10 8.68 9.63
N LEU A 288 15.43 7.45 9.97
CA LEU A 288 15.47 6.38 8.97
C LEU A 288 14.07 6.07 8.44
N CYS A 289 13.84 6.26 7.13
CA CYS A 289 12.60 5.78 6.53
C CYS A 289 12.93 4.46 5.86
N ASP A 290 11.98 3.54 5.90
CA ASP A 290 12.16 2.22 5.32
C ASP A 290 11.18 2.08 4.18
N GLU A 291 10.87 3.20 3.54
CA GLU A 291 9.82 3.17 2.53
C GLU A 291 10.33 3.01 1.08
N PHE A 292 11.64 3.00 0.88
CA PHE A 292 12.18 2.86 -0.47
C PHE A 292 12.93 1.54 -0.60
N THR A 293 12.54 0.73 -1.56
CA THR A 293 13.22 -0.53 -1.77
C THR A 293 14.57 -0.33 -2.47
N PRO A 294 15.43 -1.36 -2.45
CA PRO A 294 16.69 -1.26 -3.21
C PRO A 294 16.47 -1.05 -4.72
N THR A 295 15.36 -1.59 -5.22
CA THR A 295 14.95 -1.47 -6.63
C THR A 295 14.53 -0.05 -7.00
N GLU A 296 13.68 0.56 -6.18
CA GLU A 296 13.31 1.97 -6.34
C GLU A 296 14.52 2.90 -6.35
N VAL A 297 15.46 2.69 -5.41
CA VAL A 297 16.62 3.56 -5.25
C VAL A 297 17.53 3.48 -6.48
N ILE A 298 17.87 2.27 -6.89
CA ILE A 298 18.66 2.05 -8.12
C ILE A 298 18.03 2.73 -9.33
N ARG A 299 16.71 2.55 -9.47
CA ARG A 299 15.98 2.99 -10.64
C ARG A 299 15.95 4.51 -10.77
N GLN A 300 16.07 5.18 -9.65
CA GLN A 300 15.95 6.63 -9.69
C GLN A 300 17.30 7.32 -9.62
N MET A 301 18.34 6.58 -9.26
CA MET A 301 19.68 7.17 -9.27
C MET A 301 20.40 6.80 -10.57
N TYR A 302 20.00 5.68 -11.20
CA TYR A 302 20.72 5.13 -12.35
C TYR A 302 19.84 4.82 -13.56
N GLY A 303 18.56 4.52 -13.31
CA GLY A 303 17.61 4.38 -14.41
C GLY A 303 17.19 2.98 -14.79
N VAL A 304 16.91 2.81 -16.09
CA VAL A 304 16.33 1.62 -16.73
C VAL A 304 14.81 1.59 -16.59
N ALA B 2 -11.94 1.71 15.13
CA ALA B 2 -11.64 1.58 13.75
C ALA B 2 -12.74 2.38 13.07
N VAL B 3 -12.46 3.40 12.04
CA VAL B 3 -13.59 4.03 11.50
C VAL B 3 -13.77 3.46 10.11
N LEU B 4 -15.11 2.96 9.67
CA LEU B 4 -15.19 2.44 8.35
C LEU B 4 -15.04 3.60 7.39
#